data_1REK
#
_entry.id   1REK
#
_cell.length_a   53.6
_cell.length_b   71.9
_cell.length_c   98.9
_cell.angle_alpha   90
_cell.angle_beta   90
_cell.angle_gamma   90
#
_symmetry.space_group_name_H-M   'P 21 21 21'
#
loop_
_entity.id
_entity.type
_entity.pdbx_description
1 polymer 'cAMP-dependent protein kinase, alpha-catalytic subunit'
2 non-polymer '3-[(3-SEC-BUTYL-4-HYDROXYBENZOYL)AMINO]AZEPAN-4-YL 4-(2-HYDROXY-5-METHOXYBENZOYL)BENZOATE'
3 non-polymer PENTANAL
4 water water
#
_entity_poly.entity_id   1
_entity_poly.type   'polypeptide(L)'
_entity_poly.pdbx_seq_one_letter_code
;GNAAAAKKGSEQESVKEFLAKAKEDFLKKWETPSQNTAQLDQFDRIKTLGTGSFGRVMLVKHKESGNHYAMKILDKQKVV
KLKQIEHTLNEKRILQAVNFPFLVKLEFSFKDNSNLYMVMEYVAGGEMFSHLRRIGRFSEPHARFYAAQIVLTFEYLHSL
DLIYRDLKPENLLIDQQGYIQVTDFGFAKRVKGRTW(TPO)LCGTPEYLAPEIILSKGYNKAVDWWALGVLIYEMAAGYP
PFFADQPIQIYEKIVSGKVRFPSHFSSDLKDLLRNLLQVDLTKRFGNLKNGVNDIKNHKWFATTDWIAIYQRKVEAPFIP
KFKGPGDTSNFDDYEEEEIRV(SEP)INEKCGKEFTEF
;
_entity_poly.pdbx_strand_id   A
#
# COMPACT_ATOMS: atom_id res chain seq x y z
N GLU A 13 14.97 -20.02 -8.43
CA GLU A 13 16.34 -19.81 -8.02
C GLU A 13 16.54 -19.73 -6.50
N SER A 14 17.71 -19.27 -6.03
CA SER A 14 18.05 -19.13 -4.61
C SER A 14 17.20 -18.18 -3.79
N VAL A 15 16.37 -17.34 -4.42
CA VAL A 15 15.45 -16.42 -3.75
C VAL A 15 14.42 -17.11 -2.87
N LYS A 16 14.17 -18.42 -3.08
CA LYS A 16 13.26 -19.25 -2.31
C LYS A 16 13.68 -19.42 -0.84
N GLU A 17 15.00 -19.43 -0.58
CA GLU A 17 15.62 -19.48 0.75
C GLU A 17 15.19 -18.30 1.58
N PHE A 18 15.32 -17.11 0.98
CA PHE A 18 14.89 -15.84 1.54
C PHE A 18 13.41 -15.90 1.90
N LEU A 19 12.56 -16.35 0.96
CA LEU A 19 11.12 -16.47 1.13
C LEU A 19 10.72 -17.47 2.20
N ALA A 20 11.54 -18.51 2.41
CA ALA A 20 11.35 -19.54 3.42
C ALA A 20 11.53 -18.96 4.82
N LYS A 21 12.58 -18.14 4.88
CA LYS A 21 13.05 -17.36 6.00
C LYS A 21 12.07 -16.27 6.42
N ALA A 22 11.47 -15.62 5.42
CA ALA A 22 10.42 -14.61 5.60
C ALA A 22 9.12 -15.23 6.09
N LYS A 23 8.80 -16.45 5.65
CA LYS A 23 7.60 -17.21 6.05
C LYS A 23 7.74 -17.59 7.52
N GLU A 24 8.97 -17.92 7.95
CA GLU A 24 9.26 -18.30 9.33
C GLU A 24 9.04 -17.14 10.28
N ASP A 25 9.57 -15.93 9.95
CA ASP A 25 9.44 -14.71 10.75
C ASP A 25 8.06 -14.12 10.86
N PHE A 26 7.35 -14.18 9.74
CA PHE A 26 5.99 -13.69 9.64
C PHE A 26 5.08 -14.58 10.46
N LEU A 27 5.10 -15.91 10.28
CA LEU A 27 4.22 -16.81 10.99
C LEU A 27 4.38 -16.80 12.50
N LYS A 28 5.60 -16.63 13.04
CA LYS A 28 5.84 -16.52 14.49
C LYS A 28 5.21 -15.28 15.11
N LYS A 29 5.28 -14.17 14.34
CA LYS A 29 4.66 -12.87 14.65
C LYS A 29 3.16 -12.88 14.32
N TRP A 30 2.73 -13.58 13.28
CA TRP A 30 1.35 -13.73 12.89
C TRP A 30 0.57 -14.55 13.92
N GLU A 31 1.13 -15.65 14.45
CA GLU A 31 0.48 -16.47 15.45
C GLU A 31 0.48 -15.88 16.86
N THR A 32 1.56 -15.20 17.28
CA THR A 32 1.63 -14.54 18.58
C THR A 32 1.85 -13.03 18.39
N PRO A 33 0.82 -12.24 18.00
CA PRO A 33 0.89 -10.80 17.74
C PRO A 33 1.30 -9.91 18.89
N SER A 34 2.01 -8.82 18.55
CA SER A 34 2.40 -7.80 19.50
C SER A 34 1.16 -7.01 19.83
N GLN A 35 0.80 -7.01 21.12
CA GLN A 35 -0.33 -6.25 21.61
C GLN A 35 0.19 -5.20 22.58
N ASN A 36 -0.43 -4.01 22.58
CA ASN A 36 -0.13 -2.89 23.46
C ASN A 36 1.35 -2.66 23.76
N THR A 37 2.11 -2.14 22.78
CA THR A 37 3.53 -1.83 22.97
C THR A 37 3.84 -0.38 23.35
N ALA A 38 2.79 0.42 23.57
CA ALA A 38 2.95 1.80 23.99
C ALA A 38 1.63 2.33 24.49
N GLN A 39 1.65 3.57 24.95
CA GLN A 39 0.42 4.26 25.31
C GLN A 39 0.48 5.68 24.80
N LEU A 40 -0.72 6.29 24.71
CA LEU A 40 -0.93 7.62 24.17
C LEU A 40 -0.15 8.72 24.85
N ASP A 41 -0.10 8.64 26.19
CA ASP A 41 0.59 9.59 27.04
C ASP A 41 2.08 9.73 26.72
N GLN A 42 2.65 8.79 25.96
CA GLN A 42 4.06 8.79 25.58
C GLN A 42 4.40 9.64 24.38
N PHE A 43 3.38 10.28 23.80
CA PHE A 43 3.55 11.09 22.59
C PHE A 43 2.98 12.51 22.69
N ASP A 44 3.47 13.39 21.81
CA ASP A 44 2.94 14.74 21.65
C ASP A 44 2.36 14.78 20.25
N ARG A 45 1.08 15.16 20.05
CA ARG A 45 0.61 15.33 18.68
C ARG A 45 1.06 16.69 18.17
N ILE A 46 1.40 16.72 16.87
CA ILE A 46 1.91 17.91 16.20
C ILE A 46 0.96 18.37 15.09
N LYS A 47 0.49 17.49 14.19
CA LYS A 47 -0.38 17.86 13.09
C LYS A 47 -1.09 16.67 12.47
N THR A 48 -2.38 16.86 12.17
CA THR A 48 -3.22 15.89 11.50
C THR A 48 -2.80 15.93 10.04
N LEU A 49 -2.43 14.76 9.51
CA LEU A 49 -1.92 14.66 8.17
C LEU A 49 -2.55 13.63 7.25
N GLY A 50 -3.61 12.96 7.69
CA GLY A 50 -4.30 11.98 6.88
C GLY A 50 -5.73 11.83 7.34
N THR A 51 -6.58 11.21 6.53
CA THR A 51 -7.99 11.02 6.85
C THR A 51 -8.49 9.78 6.13
N GLY A 52 -9.27 9.02 6.90
CA GLY A 52 -9.92 7.83 6.40
C GLY A 52 -11.28 7.70 7.06
N SER A 53 -12.08 6.70 6.68
CA SER A 53 -13.44 6.47 7.18
C SER A 53 -13.64 6.49 8.67
N PHE A 54 -12.66 6.01 9.46
CA PHE A 54 -12.81 5.94 10.92
C PHE A 54 -11.74 6.67 11.68
N GLY A 55 -10.95 7.51 11.00
CA GLY A 55 -9.93 8.24 11.70
C GLY A 55 -9.08 9.16 10.86
N ARG A 56 -7.86 9.26 11.38
CA ARG A 56 -6.82 10.15 10.88
C ARG A 56 -5.39 9.73 11.23
N VAL A 57 -4.43 10.05 10.36
CA VAL A 57 -3.03 9.85 10.67
C VAL A 57 -2.53 11.21 11.08
N MET A 58 -1.75 11.18 12.16
CA MET A 58 -1.26 12.37 12.80
C MET A 58 0.24 12.29 12.96
N LEU A 59 0.96 13.40 12.73
CA LEU A 59 2.38 13.44 12.99
C LEU A 59 2.57 13.59 14.49
N VAL A 60 3.32 12.68 15.13
CA VAL A 60 3.53 12.79 16.57
C VAL A 60 5.02 12.74 16.90
N LYS A 61 5.35 13.04 18.15
CA LYS A 61 6.72 13.01 18.64
C LYS A 61 6.76 12.24 19.95
N HIS A 62 7.70 11.31 20.05
CA HIS A 62 7.92 10.49 21.23
C HIS A 62 8.65 11.36 22.23
N LYS A 63 8.03 11.66 23.39
CA LYS A 63 8.65 12.51 24.41
C LYS A 63 10.04 12.11 24.89
N GLU A 64 10.20 10.86 25.28
CA GLU A 64 11.45 10.30 25.74
C GLU A 64 12.50 10.18 24.64
N SER A 65 12.27 9.54 23.49
CA SER A 65 13.28 9.46 22.44
C SER A 65 13.46 10.79 21.71
N GLY A 66 12.38 11.33 21.15
CA GLY A 66 12.40 12.57 20.38
C GLY A 66 12.06 12.28 18.93
N ASN A 67 11.85 11.00 18.59
CA ASN A 67 11.62 10.53 17.23
C ASN A 67 10.17 10.74 16.84
N HIS A 68 10.04 11.24 15.61
CA HIS A 68 8.73 11.48 15.05
C HIS A 68 8.15 10.21 14.46
N TYR A 69 6.82 10.10 14.58
CA TYR A 69 6.08 8.97 14.06
C TYR A 69 4.78 9.44 13.42
N ALA A 70 4.21 8.54 12.64
CA ALA A 70 2.87 8.70 12.12
C ALA A 70 1.98 7.98 13.13
N MET A 71 0.77 8.44 13.42
CA MET A 71 -0.07 7.73 14.35
C MET A 71 -1.49 7.75 13.86
N LYS A 72 -1.93 6.59 13.38
CA LYS A 72 -3.28 6.43 12.91
C LYS A 72 -4.11 6.23 14.16
N ILE A 73 -5.26 6.91 14.21
CA ILE A 73 -6.19 6.86 15.32
C ILE A 73 -7.54 6.47 14.74
N LEU A 74 -8.06 5.30 15.10
CA LEU A 74 -9.34 4.83 14.58
C LEU A 74 -10.35 4.71 15.71
N ASP A 75 -11.56 5.29 15.63
CA ASP A 75 -12.49 5.12 16.73
C ASP A 75 -13.44 3.95 16.53
N LYS A 76 -13.36 3.10 17.56
CA LYS A 76 -14.08 1.83 17.67
C LYS A 76 -15.54 1.90 17.33
N GLN A 77 -16.24 2.93 17.83
CA GLN A 77 -17.66 3.09 17.60
C GLN A 77 -18.05 3.28 16.14
N LYS A 78 -17.18 3.89 15.33
CA LYS A 78 -17.43 4.06 13.91
C LYS A 78 -17.03 2.82 13.12
N VAL A 79 -16.05 2.06 13.63
CA VAL A 79 -15.60 0.87 12.94
C VAL A 79 -16.70 -0.18 13.00
N VAL A 80 -17.22 -0.43 14.21
CA VAL A 80 -18.30 -1.37 14.46
C VAL A 80 -19.58 -0.99 13.71
N LYS A 81 -20.00 0.28 13.73
CA LYS A 81 -21.20 0.77 13.03
C LYS A 81 -21.18 0.59 11.53
N LEU A 82 -20.01 0.85 10.92
CA LEU A 82 -19.80 0.68 9.48
C LEU A 82 -19.56 -0.74 9.09
N LYS A 83 -19.23 -1.54 10.14
CA LYS A 83 -19.02 -3.00 10.21
C LYS A 83 -17.62 -3.48 9.83
N GLN A 84 -16.62 -2.57 9.72
CA GLN A 84 -15.26 -2.91 9.32
C GLN A 84 -14.27 -3.35 10.41
N ILE A 85 -14.76 -4.15 11.39
CA ILE A 85 -13.94 -4.62 12.49
C ILE A 85 -12.85 -5.53 11.95
N GLU A 86 -13.21 -6.48 11.07
CA GLU A 86 -12.29 -7.46 10.52
C GLU A 86 -11.17 -6.81 9.75
N HIS A 87 -11.48 -5.79 8.94
CA HIS A 87 -10.45 -5.09 8.19
C HIS A 87 -9.41 -4.41 9.05
N THR A 88 -9.88 -3.80 10.14
CA THR A 88 -9.08 -3.05 11.10
C THR A 88 -8.09 -3.95 11.82
N LEU A 89 -8.59 -5.12 12.22
CA LEU A 89 -7.78 -6.13 12.88
C LEU A 89 -6.83 -6.79 11.89
N ASN A 90 -7.23 -6.97 10.62
CA ASN A 90 -6.39 -7.52 9.56
C ASN A 90 -5.16 -6.65 9.36
N GLU A 91 -5.43 -5.35 9.22
CA GLU A 91 -4.43 -4.31 9.06
C GLU A 91 -3.36 -4.36 10.13
N LYS A 92 -3.75 -4.32 11.41
CA LYS A 92 -2.84 -4.37 12.53
C LYS A 92 -2.02 -5.66 12.55
N ARG A 93 -2.71 -6.80 12.47
CA ARG A 93 -2.09 -8.11 12.49
C ARG A 93 -1.09 -8.37 11.35
N ILE A 94 -1.35 -7.90 10.13
CA ILE A 94 -0.39 -8.03 9.03
C ILE A 94 0.79 -7.11 9.30
N LEU A 95 0.54 -5.83 9.58
CA LEU A 95 1.57 -4.83 9.86
C LEU A 95 2.55 -5.25 10.95
N GLN A 96 2.13 -5.81 12.09
CA GLN A 96 3.09 -6.22 13.10
C GLN A 96 3.85 -7.49 12.73
N ALA A 97 3.28 -8.26 11.78
CA ALA A 97 3.87 -9.51 11.33
C ALA A 97 4.81 -9.39 10.12
N VAL A 98 4.59 -8.44 9.21
CA VAL A 98 5.45 -8.26 8.05
C VAL A 98 6.73 -7.48 8.30
N ASN A 99 7.68 -7.57 7.35
CA ASN A 99 8.99 -6.94 7.41
C ASN A 99 9.66 -6.92 6.04
N PHE A 100 9.63 -5.74 5.42
CA PHE A 100 10.14 -5.59 4.07
C PHE A 100 10.66 -4.18 3.80
N PRO A 101 11.73 -4.01 3.01
CA PRO A 101 12.29 -2.71 2.65
C PRO A 101 11.37 -1.66 2.07
N PHE A 102 10.28 -2.03 1.41
CA PHE A 102 9.39 -1.04 0.78
C PHE A 102 8.01 -0.95 1.46
N LEU A 103 7.91 -1.40 2.71
CA LEU A 103 6.69 -1.37 3.51
C LEU A 103 6.84 -0.38 4.68
N VAL A 104 5.82 0.41 5.06
CA VAL A 104 5.96 1.28 6.25
C VAL A 104 5.87 0.41 7.49
N LYS A 105 6.96 0.48 8.27
CA LYS A 105 7.13 -0.26 9.51
C LYS A 105 6.25 0.19 10.68
N LEU A 106 5.34 -0.67 11.14
CA LEU A 106 4.56 -0.41 12.33
C LEU A 106 5.51 -0.52 13.53
N GLU A 107 5.75 0.61 14.19
CA GLU A 107 6.63 0.65 15.35
C GLU A 107 5.93 0.30 16.66
N PHE A 108 4.65 0.67 16.82
CA PHE A 108 3.93 0.41 18.05
C PHE A 108 2.45 0.28 17.75
N SER A 109 1.74 -0.41 18.65
CA SER A 109 0.30 -0.56 18.55
C SER A 109 -0.30 -0.52 19.94
N PHE A 110 -1.56 -0.07 20.06
CA PHE A 110 -2.32 -0.03 21.30
C PHE A 110 -3.72 0.49 21.12
N LYS A 111 -4.54 0.33 22.16
CA LYS A 111 -5.92 0.79 22.15
C LYS A 111 -6.27 1.32 23.53
N ASP A 112 -7.47 1.89 23.63
CA ASP A 112 -8.02 2.39 24.89
C ASP A 112 -9.53 2.38 24.85
N ASN A 113 -10.19 3.17 25.70
CA ASN A 113 -11.63 3.20 25.79
C ASN A 113 -12.40 3.59 24.55
N SER A 114 -11.79 4.34 23.62
CA SER A 114 -12.52 4.79 22.45
C SER A 114 -11.85 4.49 21.14
N ASN A 115 -10.52 4.38 21.11
CA ASN A 115 -9.79 4.27 19.86
C ASN A 115 -8.76 3.16 19.80
N LEU A 116 -8.31 2.95 18.57
CA LEU A 116 -7.25 2.02 18.25
C LEU A 116 -6.12 2.88 17.71
N TYR A 117 -4.88 2.57 18.05
CA TYR A 117 -3.75 3.39 17.65
C TYR A 117 -2.61 2.57 17.04
N MET A 118 -2.19 3.00 15.86
CA MET A 118 -1.09 2.38 15.15
C MET A 118 -0.03 3.45 14.92
N VAL A 119 1.05 3.35 15.68
CA VAL A 119 2.14 4.30 15.57
C VAL A 119 3.17 3.70 14.62
N MET A 120 3.17 4.24 13.40
CA MET A 120 4.05 3.88 12.30
C MET A 120 5.24 4.81 12.13
N GLU A 121 6.17 4.40 11.28
CA GLU A 121 7.39 5.10 10.90
C GLU A 121 7.06 6.39 10.13
N TYR A 122 7.78 7.47 10.44
CA TYR A 122 7.57 8.74 9.73
C TYR A 122 8.38 8.75 8.45
N VAL A 123 7.63 8.86 7.35
CA VAL A 123 8.19 8.91 6.01
C VAL A 123 8.13 10.37 5.58
N ALA A 124 9.30 11.01 5.61
CA ALA A 124 9.44 12.41 5.23
C ALA A 124 9.69 12.52 3.74
N GLY A 125 8.60 12.72 2.98
CA GLY A 125 8.64 12.84 1.52
C GLY A 125 7.26 12.83 0.89
N GLY A 126 6.26 12.32 1.64
CA GLY A 126 4.88 12.32 1.22
C GLY A 126 4.53 11.30 0.16
N GLU A 127 3.24 11.30 -0.15
CA GLU A 127 2.61 10.43 -1.14
C GLU A 127 3.18 10.53 -2.54
N MET A 128 3.04 9.44 -3.32
CA MET A 128 3.47 9.40 -4.71
C MET A 128 2.47 10.20 -5.55
N PHE A 129 1.21 10.22 -5.12
CA PHE A 129 0.14 10.97 -5.73
C PHE A 129 0.50 12.44 -6.00
N SER A 130 1.02 13.14 -4.98
CA SER A 130 1.36 14.56 -5.05
C SER A 130 2.45 14.86 -6.07
N HIS A 131 3.52 14.07 -6.01
CA HIS A 131 4.66 14.19 -6.89
C HIS A 131 4.31 13.89 -8.35
N LEU A 132 3.44 12.90 -8.60
CA LEU A 132 2.98 12.53 -9.93
C LEU A 132 2.20 13.70 -10.49
N ARG A 133 1.25 14.22 -9.70
CA ARG A 133 0.41 15.37 -10.03
C ARG A 133 1.19 16.65 -10.22
N ARG A 134 2.32 16.83 -9.51
CA ARG A 134 3.20 17.97 -9.69
C ARG A 134 3.88 17.93 -11.05
N ILE A 135 4.56 16.83 -11.40
CA ILE A 135 5.32 16.82 -12.64
C ILE A 135 4.54 16.32 -13.84
N GLY A 136 3.24 16.01 -13.68
CA GLY A 136 2.39 15.56 -14.78
C GLY A 136 2.41 14.05 -14.95
N ARG A 137 3.53 13.56 -15.48
CA ARG A 137 3.74 12.15 -15.71
C ARG A 137 5.21 11.81 -15.54
N PHE A 138 5.47 10.58 -15.09
CA PHE A 138 6.82 10.08 -14.89
C PHE A 138 7.42 9.59 -16.20
N SER A 139 8.76 9.58 -16.29
CA SER A 139 9.46 8.99 -17.42
C SER A 139 9.41 7.47 -17.27
N GLU A 140 9.48 6.69 -18.34
CA GLU A 140 9.42 5.24 -18.21
C GLU A 140 10.56 4.64 -17.37
N PRO A 141 11.84 5.06 -17.40
CA PRO A 141 12.77 4.77 -16.33
C PRO A 141 12.35 5.11 -14.92
N HIS A 142 11.63 6.22 -14.69
CA HIS A 142 11.17 6.66 -13.37
C HIS A 142 10.04 5.78 -12.87
N ALA A 143 9.08 5.46 -13.75
CA ALA A 143 7.97 4.57 -13.43
C ALA A 143 8.47 3.15 -13.16
N ARG A 144 9.52 2.73 -13.88
CA ARG A 144 10.14 1.43 -13.76
C ARG A 144 10.77 1.20 -12.40
N PHE A 145 11.49 2.21 -11.90
CA PHE A 145 12.14 2.18 -10.60
C PHE A 145 11.12 1.92 -9.49
N TYR A 146 9.93 2.52 -9.60
CA TYR A 146 8.85 2.37 -8.66
C TYR A 146 8.18 1.03 -8.82
N ALA A 147 7.78 0.70 -10.06
CA ALA A 147 7.15 -0.56 -10.39
C ALA A 147 7.97 -1.78 -9.96
N ALA A 148 9.31 -1.69 -10.04
CA ALA A 148 10.23 -2.74 -9.63
C ALA A 148 10.12 -3.01 -8.14
N GLN A 149 10.01 -1.94 -7.35
CA GLN A 149 9.85 -2.04 -5.92
C GLN A 149 8.50 -2.63 -5.54
N ILE A 150 7.46 -2.41 -6.34
CA ILE A 150 6.14 -2.94 -6.08
C ILE A 150 6.05 -4.39 -6.53
N VAL A 151 6.78 -4.79 -7.57
CA VAL A 151 6.83 -6.19 -8.01
C VAL A 151 7.45 -7.03 -6.89
N LEU A 152 8.59 -6.59 -6.31
CA LEU A 152 9.23 -7.27 -5.19
C LEU A 152 8.40 -7.26 -3.91
N THR A 153 7.61 -6.20 -3.69
CA THR A 153 6.70 -6.05 -2.57
C THR A 153 5.58 -7.06 -2.65
N PHE A 154 4.96 -7.19 -3.82
CA PHE A 154 3.93 -8.17 -4.03
C PHE A 154 4.45 -9.59 -4.10
N GLU A 155 5.73 -9.82 -4.44
CA GLU A 155 6.30 -11.16 -4.43
C GLU A 155 6.34 -11.63 -2.99
N TYR A 156 6.90 -10.80 -2.11
CA TYR A 156 6.97 -11.04 -0.67
C TYR A 156 5.59 -11.24 -0.03
N LEU A 157 4.64 -10.32 -0.22
CA LEU A 157 3.31 -10.43 0.35
C LEU A 157 2.51 -11.60 -0.19
N HIS A 158 2.65 -11.96 -1.47
CA HIS A 158 1.95 -13.11 -2.01
C HIS A 158 2.59 -14.41 -1.59
N SER A 159 3.85 -14.42 -1.13
CA SER A 159 4.51 -15.61 -0.61
C SER A 159 3.88 -15.99 0.72
N LEU A 160 3.61 -14.95 1.51
CA LEU A 160 3.01 -14.99 2.82
C LEU A 160 1.49 -15.12 2.78
N ASP A 161 0.93 -15.47 1.62
CA ASP A 161 -0.50 -15.67 1.38
C ASP A 161 -1.33 -14.40 1.62
N LEU A 162 -0.64 -13.26 1.56
CA LEU A 162 -1.27 -11.97 1.78
C LEU A 162 -1.55 -11.33 0.44
N ILE A 163 -2.74 -10.73 0.37
CA ILE A 163 -3.20 -9.98 -0.78
C ILE A 163 -3.31 -8.51 -0.29
N TYR A 164 -2.91 -7.52 -1.08
CA TYR A 164 -2.90 -6.13 -0.64
C TYR A 164 -4.18 -5.35 -0.92
N ARG A 165 -4.70 -5.44 -2.14
CA ARG A 165 -5.96 -4.88 -2.58
C ARG A 165 -6.22 -3.39 -2.64
N ASP A 166 -5.27 -2.49 -2.34
CA ASP A 166 -5.53 -1.06 -2.55
C ASP A 166 -4.33 -0.30 -3.12
N LEU A 167 -3.70 -0.84 -4.17
CA LEU A 167 -2.53 -0.20 -4.78
C LEU A 167 -2.94 0.98 -5.62
N LYS A 168 -2.41 2.16 -5.24
CA LYS A 168 -2.66 3.43 -5.89
C LYS A 168 -1.67 4.47 -5.40
N PRO A 169 -1.32 5.52 -6.17
CA PRO A 169 -0.38 6.56 -5.78
C PRO A 169 -0.46 7.12 -4.36
N GLU A 170 -1.68 7.21 -3.79
CA GLU A 170 -1.91 7.76 -2.45
C GLU A 170 -1.39 6.91 -1.32
N ASN A 171 -1.34 5.59 -1.53
CA ASN A 171 -0.89 4.65 -0.52
C ASN A 171 0.58 4.29 -0.62
N LEU A 172 1.28 4.99 -1.51
CA LEU A 172 2.70 4.78 -1.73
C LEU A 172 3.38 6.06 -1.26
N LEU A 173 4.29 5.93 -0.30
CA LEU A 173 5.01 7.10 0.20
C LEU A 173 6.47 7.08 -0.22
N ILE A 174 6.93 8.22 -0.75
CA ILE A 174 8.29 8.39 -1.21
C ILE A 174 9.17 8.80 -0.03
N ASP A 175 10.16 7.99 0.38
CA ASP A 175 11.03 8.37 1.50
C ASP A 175 12.17 9.28 1.07
N GLN A 176 13.05 9.68 2.01
CA GLN A 176 14.21 10.52 1.75
C GLN A 176 15.06 10.15 0.54
N GLN A 177 15.26 8.84 0.33
CA GLN A 177 16.08 8.28 -0.73
C GLN A 177 15.35 8.14 -2.05
N GLY A 178 14.06 8.47 -2.12
CA GLY A 178 13.27 8.38 -3.35
C GLY A 178 12.62 7.03 -3.58
N TYR A 179 12.79 6.14 -2.59
CA TYR A 179 12.25 4.80 -2.57
C TYR A 179 10.86 4.75 -1.94
N ILE A 180 10.03 3.82 -2.41
CA ILE A 180 8.66 3.65 -1.93
C ILE A 180 8.57 2.95 -0.57
N GLN A 181 7.55 3.39 0.18
CA GLN A 181 7.16 2.82 1.46
C GLN A 181 5.67 2.61 1.34
N VAL A 182 5.24 1.36 1.28
CA VAL A 182 3.83 1.05 1.09
C VAL A 182 3.16 1.06 2.45
N THR A 183 2.06 1.83 2.47
CA THR A 183 1.20 1.99 3.64
C THR A 183 -0.25 1.69 3.28
N ASP A 184 -1.21 1.95 4.18
CA ASP A 184 -2.62 1.64 4.04
C ASP A 184 -2.95 0.19 3.70
N PHE A 185 -2.81 -0.65 4.72
CA PHE A 185 -3.14 -2.07 4.64
C PHE A 185 -4.52 -2.38 5.18
N GLY A 186 -5.41 -1.37 5.22
CA GLY A 186 -6.76 -1.54 5.70
C GLY A 186 -7.52 -2.61 4.94
N PHE A 187 -7.36 -2.65 3.62
CA PHE A 187 -8.03 -3.63 2.79
C PHE A 187 -7.18 -4.88 2.61
N ALA A 188 -6.01 -4.98 3.25
CA ALA A 188 -5.15 -6.15 3.08
C ALA A 188 -5.61 -7.34 3.90
N LYS A 189 -5.57 -8.52 3.28
CA LYS A 189 -6.05 -9.74 3.93
C LYS A 189 -5.19 -10.97 3.70
N ARG A 190 -5.16 -11.90 4.66
CA ARG A 190 -4.48 -13.16 4.49
C ARG A 190 -5.49 -14.21 4.05
N VAL A 191 -5.27 -14.73 2.84
CA VAL A 191 -6.13 -15.73 2.23
C VAL A 191 -5.38 -16.69 1.30
N LYS A 192 -5.73 -17.99 1.40
CA LYS A 192 -5.22 -19.04 0.54
C LYS A 192 -6.38 -19.31 -0.39
N GLY A 193 -6.27 -18.90 -1.65
CA GLY A 193 -7.35 -19.03 -2.60
C GLY A 193 -8.09 -17.70 -2.75
N ARG A 194 -9.42 -17.73 -2.74
CA ARG A 194 -10.21 -16.54 -2.98
C ARG A 194 -10.98 -15.87 -1.85
N THR A 195 -11.21 -14.58 -2.10
CA THR A 195 -11.95 -13.65 -1.25
C THR A 195 -13.09 -13.08 -2.05
N TRP A 196 -14.14 -12.62 -1.34
CA TRP A 196 -15.36 -12.13 -1.98
C TRP A 196 -15.77 -10.70 -1.64
N LEU A 198 -15.92 -6.58 -1.59
CA LEU A 198 -15.75 -5.51 -2.56
C LEU A 198 -14.72 -4.51 -2.03
N CYS A 199 -13.44 -4.82 -2.29
CA CYS A 199 -12.33 -4.02 -1.81
C CYS A 199 -11.50 -3.39 -2.90
N GLY A 200 -11.05 -2.17 -2.60
CA GLY A 200 -10.22 -1.37 -3.48
C GLY A 200 -10.85 -0.02 -3.80
N THR A 201 -10.21 0.63 -4.77
CA THR A 201 -10.57 1.94 -5.30
C THR A 201 -11.02 1.74 -6.76
N PRO A 202 -12.16 2.30 -7.21
CA PRO A 202 -12.80 2.02 -8.49
C PRO A 202 -11.93 1.88 -9.74
N GLU A 203 -11.03 2.84 -9.95
CA GLU A 203 -10.14 2.89 -11.12
C GLU A 203 -9.15 1.74 -11.14
N TYR A 204 -8.88 1.15 -9.98
CA TYR A 204 -7.91 0.08 -9.80
C TYR A 204 -8.49 -1.32 -9.71
N LEU A 205 -9.81 -1.41 -9.55
CA LEU A 205 -10.49 -2.68 -9.41
C LEU A 205 -10.37 -3.58 -10.63
N ALA A 206 -9.93 -4.82 -10.39
CA ALA A 206 -9.86 -5.85 -11.42
C ALA A 206 -11.26 -6.29 -11.82
N PRO A 207 -11.55 -6.67 -13.08
CA PRO A 207 -12.87 -7.03 -13.55
C PRO A 207 -13.60 -8.10 -12.76
N GLU A 208 -12.86 -9.05 -12.16
CA GLU A 208 -13.46 -10.08 -11.34
C GLU A 208 -14.00 -9.51 -10.04
N ILE A 209 -13.39 -8.42 -9.52
CA ILE A 209 -13.91 -7.76 -8.34
C ILE A 209 -15.19 -7.06 -8.75
N ILE A 210 -15.19 -6.30 -9.84
CA ILE A 210 -16.39 -5.62 -10.32
C ILE A 210 -17.54 -6.58 -10.56
N LEU A 211 -17.27 -7.76 -11.13
CA LEU A 211 -18.34 -8.71 -11.43
C LEU A 211 -18.69 -9.65 -10.29
N SER A 212 -18.19 -9.30 -9.10
CA SER A 212 -18.36 -10.01 -7.85
C SER A 212 -18.04 -11.50 -7.87
N LYS A 213 -16.90 -11.81 -8.49
CA LYS A 213 -16.40 -13.17 -8.51
C LYS A 213 -15.53 -13.34 -7.28
N GLY A 214 -15.18 -14.58 -6.99
CA GLY A 214 -14.22 -14.85 -5.94
C GLY A 214 -12.86 -14.66 -6.57
N TYR A 215 -12.16 -13.64 -6.11
CA TYR A 215 -10.89 -13.28 -6.69
C TYR A 215 -9.70 -13.64 -5.83
N ASN A 216 -8.50 -13.71 -6.44
CA ASN A 216 -7.26 -14.01 -5.75
C ASN A 216 -6.20 -12.96 -6.02
N LYS A 217 -4.93 -13.24 -5.67
CA LYS A 217 -3.80 -12.33 -5.85
C LYS A 217 -3.60 -11.64 -7.20
N ALA A 218 -4.21 -12.13 -8.31
CA ALA A 218 -4.12 -11.54 -9.64
C ALA A 218 -4.65 -10.11 -9.71
N VAL A 219 -5.49 -9.79 -8.73
CA VAL A 219 -6.11 -8.50 -8.50
C VAL A 219 -5.03 -7.45 -8.23
N ASP A 220 -3.97 -7.84 -7.50
CA ASP A 220 -2.83 -6.99 -7.23
C ASP A 220 -1.92 -6.78 -8.42
N TRP A 221 -1.92 -7.69 -9.41
CA TRP A 221 -1.15 -7.52 -10.63
C TRP A 221 -1.91 -6.69 -11.66
N TRP A 222 -3.25 -6.73 -11.63
CA TRP A 222 -4.07 -5.85 -12.45
C TRP A 222 -3.84 -4.44 -11.95
N ALA A 223 -3.89 -4.25 -10.63
CA ALA A 223 -3.69 -2.96 -9.98
C ALA A 223 -2.32 -2.39 -10.30
N LEU A 224 -1.28 -3.23 -10.40
CA LEU A 224 0.04 -2.81 -10.81
C LEU A 224 0.02 -2.32 -12.26
N GLY A 225 -0.74 -2.99 -13.13
CA GLY A 225 -0.88 -2.58 -14.52
C GLY A 225 -1.49 -1.20 -14.63
N VAL A 226 -2.53 -0.88 -13.82
CA VAL A 226 -3.19 0.42 -13.81
C VAL A 226 -2.24 1.51 -13.30
N LEU A 227 -1.53 1.23 -12.20
CA LEU A 227 -0.55 2.14 -11.60
C LEU A 227 0.60 2.46 -12.53
N ILE A 228 1.18 1.51 -13.29
CA ILE A 228 2.30 1.79 -14.18
C ILE A 228 1.83 2.66 -15.33
N TYR A 229 0.65 2.38 -15.88
CA TYR A 229 0.04 3.21 -16.91
C TYR A 229 -0.10 4.63 -16.35
N GLU A 230 -0.71 4.80 -15.16
CA GLU A 230 -0.93 6.12 -14.55
C GLU A 230 0.36 6.87 -14.25
N MET A 231 1.43 6.15 -13.89
CA MET A 231 2.73 6.76 -13.64
C MET A 231 3.32 7.26 -14.95
N ALA A 232 3.26 6.48 -16.05
CA ALA A 232 3.83 6.89 -17.34
C ALA A 232 2.96 7.78 -18.22
N ALA A 233 1.63 7.74 -18.02
CA ALA A 233 0.70 8.57 -18.76
C ALA A 233 0.25 9.82 -18.01
N GLY A 234 0.20 9.77 -16.68
CA GLY A 234 -0.27 10.89 -15.85
C GLY A 234 -1.77 10.82 -15.58
N TYR A 235 -2.43 9.74 -16.01
CA TYR A 235 -3.84 9.52 -15.82
C TYR A 235 -4.11 8.03 -15.92
N PRO A 236 -5.13 7.49 -15.25
CA PRO A 236 -5.50 6.09 -15.29
C PRO A 236 -6.07 5.63 -16.63
N PRO A 237 -5.91 4.35 -16.99
CA PRO A 237 -6.45 3.78 -18.21
C PRO A 237 -7.97 3.81 -18.28
N PHE A 238 -8.61 3.66 -17.12
CA PHE A 238 -10.06 3.62 -17.06
C PHE A 238 -10.47 4.74 -16.13
N PHE A 239 -11.07 5.76 -16.74
CA PHE A 239 -11.51 6.94 -16.03
C PHE A 239 -12.84 7.41 -16.59
N ALA A 240 -13.65 7.99 -15.70
CA ALA A 240 -14.95 8.58 -15.99
C ALA A 240 -15.50 9.33 -14.77
N ASP A 241 -16.65 10.02 -14.93
CA ASP A 241 -17.26 10.77 -13.83
C ASP A 241 -17.99 9.93 -12.82
N GLN A 242 -18.89 9.05 -13.25
CA GLN A 242 -19.57 8.13 -12.35
C GLN A 242 -18.83 6.80 -12.33
N PRO A 243 -18.61 6.18 -11.15
CA PRO A 243 -18.00 4.86 -10.99
C PRO A 243 -18.52 3.72 -11.84
N ILE A 244 -19.82 3.75 -12.19
CA ILE A 244 -20.46 2.78 -13.07
C ILE A 244 -19.84 2.80 -14.47
N GLN A 245 -19.49 3.98 -15.00
CA GLN A 245 -18.88 4.13 -16.31
C GLN A 245 -17.44 3.64 -16.30
N ILE A 246 -16.71 3.79 -15.18
CA ILE A 246 -15.34 3.29 -15.02
C ILE A 246 -15.40 1.77 -15.00
N TYR A 247 -16.42 1.17 -14.39
CA TYR A 247 -16.59 -0.28 -14.33
C TYR A 247 -16.92 -0.90 -15.67
N GLU A 248 -17.66 -0.20 -16.54
CA GLU A 248 -17.97 -0.67 -17.88
C GLU A 248 -16.71 -0.76 -18.75
N LYS A 249 -15.82 0.25 -18.62
CA LYS A 249 -14.55 0.33 -19.32
C LYS A 249 -13.56 -0.74 -18.88
N ILE A 250 -13.54 -1.12 -17.59
CA ILE A 250 -12.64 -2.15 -17.05
C ILE A 250 -13.02 -3.56 -17.49
N VAL A 251 -14.29 -4.00 -17.43
CA VAL A 251 -14.68 -5.35 -17.81
C VAL A 251 -14.50 -5.66 -19.27
N SER A 252 -14.44 -4.63 -20.13
CA SER A 252 -14.19 -4.83 -21.54
C SER A 252 -12.70 -4.85 -21.82
N GLY A 253 -11.95 -4.04 -21.06
CA GLY A 253 -10.54 -3.82 -21.25
C GLY A 253 -10.46 -2.61 -22.14
N LYS A 254 -10.06 -2.80 -23.41
CA LYS A 254 -9.92 -1.75 -24.41
C LYS A 254 -9.07 -0.61 -23.86
N VAL A 255 -7.82 -0.97 -23.54
CA VAL A 255 -6.88 0.01 -23.02
C VAL A 255 -6.14 0.66 -24.19
N ARG A 256 -6.56 1.88 -24.50
CA ARG A 256 -5.93 2.70 -25.51
C ARG A 256 -4.71 3.36 -24.89
N PHE A 257 -3.55 3.04 -25.45
CA PHE A 257 -2.27 3.53 -25.00
C PHE A 257 -1.91 4.89 -25.59
N PRO A 258 -1.27 5.78 -24.83
CA PRO A 258 -0.60 6.99 -25.33
C PRO A 258 0.43 6.65 -26.40
N SER A 259 0.51 7.43 -27.47
CA SER A 259 1.50 7.24 -28.51
C SER A 259 2.96 7.30 -28.02
N HIS A 260 3.25 8.03 -26.92
CA HIS A 260 4.61 8.12 -26.41
C HIS A 260 5.06 6.90 -25.62
N PHE A 261 4.15 5.94 -25.42
CA PHE A 261 4.45 4.69 -24.75
C PHE A 261 5.28 3.79 -25.63
N SER A 262 6.36 3.23 -25.08
CA SER A 262 7.22 2.32 -25.82
C SER A 262 6.54 0.98 -26.02
N SER A 263 6.97 0.20 -27.01
CA SER A 263 6.40 -1.11 -27.32
C SER A 263 6.49 -2.08 -26.15
N ASP A 264 7.58 -1.94 -25.37
CA ASP A 264 7.80 -2.75 -24.17
C ASP A 264 6.83 -2.41 -23.06
N LEU A 265 6.40 -1.15 -22.91
CA LEU A 265 5.39 -0.79 -21.92
C LEU A 265 4.03 -1.34 -22.33
N LYS A 266 3.66 -1.15 -23.60
CA LYS A 266 2.40 -1.57 -24.18
C LYS A 266 2.15 -3.06 -24.06
N ASP A 267 3.21 -3.87 -24.18
CA ASP A 267 3.07 -5.31 -24.11
C ASP A 267 2.86 -5.73 -22.66
N LEU A 268 3.69 -5.22 -21.74
CA LEU A 268 3.58 -5.52 -20.31
C LEU A 268 2.22 -5.13 -19.77
N LEU A 269 1.72 -3.94 -20.15
CA LEU A 269 0.43 -3.49 -19.68
C LEU A 269 -0.70 -4.30 -20.27
N ARG A 270 -0.62 -4.79 -21.50
CA ARG A 270 -1.66 -5.66 -22.05
C ARG A 270 -1.72 -6.99 -21.31
N ASN A 271 -0.60 -7.39 -20.69
CA ASN A 271 -0.50 -8.65 -19.97
C ASN A 271 -0.95 -8.55 -18.52
N LEU A 272 -0.71 -7.40 -17.86
CA LEU A 272 -1.17 -7.10 -16.52
C LEU A 272 -2.62 -6.63 -16.57
N LEU A 273 -2.99 -5.82 -17.56
CA LEU A 273 -4.37 -5.43 -17.75
C LEU A 273 -5.10 -6.42 -18.65
N GLN A 274 -4.87 -7.70 -18.35
CA GLN A 274 -5.52 -8.79 -19.04
C GLN A 274 -6.79 -9.11 -18.27
N VAL A 275 -7.93 -8.84 -18.90
CA VAL A 275 -9.24 -9.11 -18.33
C VAL A 275 -9.51 -10.57 -18.00
N ASP A 276 -8.83 -11.50 -18.71
CA ASP A 276 -8.94 -12.94 -18.45
C ASP A 276 -7.85 -13.30 -17.47
N LEU A 277 -8.37 -13.52 -16.28
CA LEU A 277 -7.74 -13.92 -15.04
C LEU A 277 -6.67 -15.00 -15.21
N THR A 278 -7.02 -16.08 -15.92
CA THR A 278 -6.12 -17.20 -16.16
C THR A 278 -4.99 -16.96 -17.17
N LYS A 279 -4.98 -15.78 -17.81
CA LYS A 279 -3.95 -15.41 -18.78
C LYS A 279 -3.22 -14.14 -18.35
N ARG A 280 -3.45 -13.67 -17.12
CA ARG A 280 -2.85 -12.43 -16.63
C ARG A 280 -1.47 -12.71 -16.08
N PHE A 281 -0.51 -11.83 -16.40
CA PHE A 281 0.85 -11.93 -15.88
C PHE A 281 0.90 -11.87 -14.36
N GLY A 282 1.71 -12.74 -13.76
CA GLY A 282 1.80 -12.83 -12.31
C GLY A 282 0.87 -13.89 -11.76
N ASN A 283 -0.22 -14.20 -12.48
CA ASN A 283 -1.14 -15.24 -12.05
C ASN A 283 -0.92 -16.55 -12.77
N LEU A 284 -0.45 -16.55 -14.02
CA LEU A 284 -0.23 -17.78 -14.76
C LEU A 284 1.08 -18.42 -14.31
N LYS A 285 1.26 -19.72 -14.53
CA LYS A 285 2.37 -20.65 -14.20
C LYS A 285 3.63 -20.02 -13.65
N ASN A 286 4.54 -19.47 -14.48
CA ASN A 286 5.76 -18.78 -14.07
C ASN A 286 5.76 -17.74 -12.93
N GLY A 287 4.57 -17.23 -12.56
CA GLY A 287 4.39 -16.37 -11.40
C GLY A 287 4.92 -15.01 -11.70
N VAL A 288 5.59 -14.48 -10.67
CA VAL A 288 6.19 -13.17 -10.71
C VAL A 288 7.30 -13.04 -11.76
N ASN A 289 7.88 -14.19 -12.17
CA ASN A 289 8.94 -14.20 -13.17
C ASN A 289 8.50 -13.83 -14.58
N ASP A 290 7.22 -13.98 -14.95
CA ASP A 290 6.70 -13.49 -16.23
C ASP A 290 6.91 -11.99 -16.32
N ILE A 291 6.75 -11.33 -15.17
CA ILE A 291 6.93 -9.89 -15.01
C ILE A 291 8.41 -9.54 -14.83
N LYS A 292 9.12 -10.25 -13.95
CA LYS A 292 10.54 -10.00 -13.74
C LYS A 292 11.36 -10.15 -15.01
N ASN A 293 11.00 -11.13 -15.85
CA ASN A 293 11.70 -11.40 -17.09
C ASN A 293 11.14 -10.67 -18.30
N HIS A 294 10.28 -9.66 -18.13
CA HIS A 294 9.77 -8.90 -19.26
C HIS A 294 10.84 -7.93 -19.78
N LYS A 295 10.78 -7.63 -21.09
CA LYS A 295 11.67 -6.72 -21.78
C LYS A 295 11.64 -5.28 -21.28
N TRP A 296 10.54 -4.84 -20.66
CA TRP A 296 10.41 -3.51 -20.07
C TRP A 296 11.19 -3.47 -18.78
N PHE A 297 11.47 -4.62 -18.17
CA PHE A 297 12.30 -4.70 -16.98
C PHE A 297 13.73 -5.18 -17.22
N ALA A 298 14.21 -5.29 -18.47
CA ALA A 298 15.56 -5.77 -18.82
C ALA A 298 16.73 -5.02 -18.19
N THR A 299 16.58 -3.69 -18.07
CA THR A 299 17.58 -2.83 -17.41
C THR A 299 17.48 -2.86 -15.89
N THR A 300 16.42 -3.41 -15.26
CA THR A 300 16.31 -3.47 -13.79
C THR A 300 17.13 -4.60 -13.18
N ASP A 301 17.94 -4.22 -12.20
CA ASP A 301 18.71 -5.17 -11.44
C ASP A 301 17.95 -5.40 -10.15
N TRP A 302 17.15 -6.45 -10.20
CA TRP A 302 16.24 -6.83 -9.12
C TRP A 302 16.81 -7.00 -7.73
N ILE A 303 18.12 -7.29 -7.60
CA ILE A 303 18.77 -7.44 -6.30
C ILE A 303 19.29 -6.08 -5.86
N ALA A 304 19.83 -5.29 -6.80
CA ALA A 304 20.35 -3.97 -6.50
C ALA A 304 19.26 -2.99 -6.13
N ILE A 305 18.03 -3.19 -6.61
CA ILE A 305 16.94 -2.30 -6.25
C ILE A 305 16.39 -2.69 -4.87
N TYR A 306 16.48 -3.97 -4.53
CA TYR A 306 16.09 -4.52 -3.24
C TYR A 306 17.00 -3.99 -2.14
N GLN A 307 18.31 -4.06 -2.40
CA GLN A 307 19.35 -3.61 -1.48
C GLN A 307 19.47 -2.09 -1.45
N ARG A 308 18.68 -1.43 -2.30
CA ARG A 308 18.59 0.02 -2.49
C ARG A 308 19.92 0.65 -2.91
N LYS A 309 20.57 -0.07 -3.83
CA LYS A 309 21.86 0.27 -4.43
C LYS A 309 21.71 1.03 -5.74
N VAL A 310 20.49 1.09 -6.30
CA VAL A 310 20.20 1.84 -7.51
C VAL A 310 19.98 3.32 -7.19
N GLU A 311 20.51 4.20 -8.04
CA GLU A 311 20.32 5.63 -7.88
C GLU A 311 18.91 6.03 -8.28
N ALA A 312 18.23 6.67 -7.32
CA ALA A 312 16.86 7.14 -7.49
C ALA A 312 16.77 8.29 -8.51
N PRO A 313 15.77 8.30 -9.40
CA PRO A 313 15.55 9.36 -10.38
C PRO A 313 14.88 10.62 -9.83
N PHE A 314 14.63 10.63 -8.52
CA PHE A 314 13.91 11.70 -7.84
C PHE A 314 14.05 11.62 -6.33
N ILE A 315 14.90 12.48 -5.76
CA ILE A 315 15.08 12.66 -4.32
C ILE A 315 14.03 13.72 -3.96
N PRO A 316 13.02 13.40 -3.14
CA PRO A 316 11.91 14.31 -2.86
C PRO A 316 12.31 15.30 -1.75
N LYS A 317 12.65 16.54 -2.11
CA LYS A 317 13.06 17.60 -1.21
C LYS A 317 12.19 17.84 0.02
N PHE A 318 12.75 18.22 1.20
CA PHE A 318 11.96 18.48 2.42
C PHE A 318 12.27 19.76 3.22
N LYS A 319 11.47 20.06 4.29
CA LYS A 319 11.55 21.25 5.17
C LYS A 319 12.88 21.46 5.89
N GLY A 320 13.51 20.30 6.17
CA GLY A 320 14.78 20.20 6.88
C GLY A 320 14.57 19.50 8.23
N PRO A 321 14.28 20.32 9.27
CA PRO A 321 14.05 19.83 10.62
C PRO A 321 12.77 19.01 10.74
N GLY A 322 12.77 17.86 11.48
CA GLY A 322 11.59 17.04 11.74
C GLY A 322 10.47 17.97 12.16
N ASP A 323 9.53 18.02 11.20
CA ASP A 323 8.44 18.98 11.11
C ASP A 323 8.72 20.44 11.41
N THR A 324 8.98 21.14 10.29
CA THR A 324 9.27 22.55 10.28
C THR A 324 8.25 23.23 9.36
N SER A 325 8.45 23.24 8.03
CA SER A 325 7.58 23.90 7.06
C SER A 325 6.12 23.50 7.12
N ASN A 326 5.93 22.16 7.07
CA ASN A 326 4.71 21.38 7.05
C ASN A 326 4.16 21.21 5.63
N PHE A 327 3.16 20.30 5.53
CA PHE A 327 2.51 19.99 4.27
C PHE A 327 1.01 20.29 4.25
N ASP A 328 0.12 19.31 4.02
CA ASP A 328 -1.32 19.55 3.92
C ASP A 328 -2.13 19.77 5.18
N ASP A 329 -3.04 20.75 5.09
CA ASP A 329 -3.92 21.16 6.19
C ASP A 329 -5.27 20.48 6.32
N TYR A 330 -5.49 20.02 7.56
CA TYR A 330 -6.70 19.35 8.02
C TYR A 330 -7.19 20.01 9.30
N GLU A 331 -8.48 19.88 9.61
CA GLU A 331 -9.06 20.40 10.85
C GLU A 331 -8.52 19.55 12.00
N GLU A 332 -7.94 20.22 13.01
CA GLU A 332 -7.38 19.58 14.19
C GLU A 332 -8.48 19.35 15.21
N GLU A 333 -8.90 18.09 15.39
CA GLU A 333 -9.93 17.74 16.36
C GLU A 333 -9.30 17.01 17.53
N GLU A 334 -10.04 16.97 18.64
CA GLU A 334 -9.61 16.29 19.85
C GLU A 334 -9.43 14.79 19.71
N ILE A 335 -8.37 14.23 20.32
CA ILE A 335 -8.26 12.79 20.44
C ILE A 335 -9.07 12.52 21.71
N ARG A 336 -10.37 12.24 21.51
CA ARG A 336 -11.29 11.98 22.60
C ARG A 336 -11.34 10.50 23.02
N VAL A 337 -10.93 10.26 24.27
CA VAL A 337 -11.06 8.95 24.91
C VAL A 337 -12.09 9.06 26.07
N ILE A 339 -14.81 8.08 29.25
CA ILE A 339 -14.64 7.58 30.62
C ILE A 339 -14.77 6.06 30.68
N ASN A 340 -15.72 5.56 29.89
CA ASN A 340 -16.08 4.15 29.81
C ASN A 340 -15.49 3.51 28.58
N GLU A 341 -15.30 2.18 28.62
CA GLU A 341 -14.76 1.45 27.49
C GLU A 341 -15.82 1.07 26.47
N LYS A 342 -15.55 1.49 25.24
CA LYS A 342 -16.40 1.27 24.07
C LYS A 342 -15.88 0.17 23.19
N CYS A 343 -16.80 -0.70 22.74
CA CYS A 343 -16.57 -1.84 21.87
C CYS A 343 -15.36 -2.76 22.13
N GLY A 344 -14.91 -2.84 23.40
CA GLY A 344 -13.73 -3.56 23.83
C GLY A 344 -13.75 -5.06 23.58
N LYS A 345 -14.94 -5.69 23.63
CA LYS A 345 -15.07 -7.12 23.40
C LYS A 345 -14.77 -7.51 21.97
N GLU A 346 -15.12 -6.61 21.06
CA GLU A 346 -14.90 -6.76 19.63
C GLU A 346 -13.43 -6.64 19.26
N PHE A 347 -12.65 -5.80 19.96
CA PHE A 347 -11.26 -5.53 19.63
C PHE A 347 -10.25 -6.07 20.62
N THR A 348 -10.57 -7.18 21.31
CA THR A 348 -9.76 -7.84 22.34
C THR A 348 -8.30 -8.15 21.98
N GLU A 349 -8.00 -7.99 20.68
CA GLU A 349 -6.70 -8.17 20.08
C GLU A 349 -6.26 -6.78 19.58
N PHE A 350 -5.24 -6.16 20.19
CA PHE A 350 -4.67 -4.88 19.76
C PHE A 350 -3.60 -4.39 20.72
#